data_3MCH
#
_entry.id   3MCH
#
_cell.length_a   33.935
_cell.length_b   103.316
_cell.length_c   59.592
_cell.angle_alpha   90.00
_cell.angle_beta   101.33
_cell.angle_gamma   90.00
#
_symmetry.space_group_name_H-M   'P 1 21 1'
#
loop_
_entity.id
_entity.type
_entity.pdbx_description
1 polymer 'Molybdopterin biosynthesis enzyme, MoaB'
2 non-polymer 1,2-ETHANEDIOL
3 water water
#
_entity_poly.entity_id   1
_entity_poly.type   'polypeptide(L)'
_entity_poly.pdbx_seq_one_letter_code
;MFRVGILTVSDKGFRGERQDTTHLAIREVLAGGPFEVAAYELVPDEPPMIKKVLRLWADREGLDLILTNGGTGLAPRDRT
PEATRELLDREVPGLAELMRLVGLRKTPMAALSRGVAGVRGRTLILNLPGSPKGARESLEAVLPVLPHALSLVTGKPWKE
GHHE
;
_entity_poly.pdbx_strand_id   A,B,C
#
loop_
_chem_comp.id
_chem_comp.type
_chem_comp.name
_chem_comp.formula
EDO non-polymer 1,2-ETHANEDIOL 'C2 H6 O2'
#
# COMPACT_ATOMS: atom_id res chain seq x y z
N MET A 1 -12.45 -18.15 20.17
CA MET A 1 -11.18 -18.23 20.93
C MET A 1 -10.03 -18.60 19.99
N PHE A 2 -9.21 -17.61 19.66
CA PHE A 2 -8.08 -17.80 18.75
C PHE A 2 -6.75 -17.89 19.50
N ARG A 3 -5.92 -18.85 19.10
CA ARG A 3 -4.61 -19.06 19.71
C ARG A 3 -3.60 -18.13 19.04
N VAL A 4 -2.90 -17.35 19.86
CA VAL A 4 -1.94 -16.34 19.39
C VAL A 4 -0.49 -16.59 19.76
N GLY A 5 0.40 -16.30 18.82
CA GLY A 5 1.83 -16.43 19.08
C GLY A 5 2.43 -15.04 18.99
N ILE A 6 3.28 -14.68 19.93
CA ILE A 6 3.92 -13.37 19.92
C ILE A 6 5.41 -13.60 19.68
N LEU A 7 5.91 -13.07 18.57
CA LEU A 7 7.31 -13.22 18.24
C LEU A 7 7.98 -11.85 18.29
N THR A 8 8.88 -11.67 19.25
CA THR A 8 9.61 -10.42 19.37
C THR A 8 10.93 -10.53 18.60
N VAL A 9 11.16 -9.58 17.70
CA VAL A 9 12.38 -9.57 16.90
C VAL A 9 13.21 -8.39 17.40
N SER A 10 14.28 -8.69 18.12
CA SER A 10 15.12 -7.66 18.71
C SER A 10 16.54 -8.12 18.99
N ASP A 11 17.52 -7.50 18.34
CA ASP A 11 18.91 -7.88 18.60
C ASP A 11 19.23 -7.65 20.08
N LYS A 12 18.86 -6.46 20.58
CA LYS A 12 19.11 -6.10 21.97
C LYS A 12 18.45 -7.04 22.95
N GLY A 13 17.18 -7.35 22.70
CA GLY A 13 16.48 -8.25 23.60
C GLY A 13 17.05 -9.65 23.54
N PHE A 14 17.39 -10.12 22.34
CA PHE A 14 17.95 -11.45 22.17
C PHE A 14 19.33 -11.52 22.82
N ARG A 15 20.09 -10.43 22.72
CA ARG A 15 21.43 -10.37 23.32
C ARG A 15 21.33 -10.29 24.83
N GLY A 16 20.14 -9.90 25.30
CA GLY A 16 19.93 -9.77 26.73
C GLY A 16 20.38 -8.42 27.25
N GLU A 17 20.49 -7.43 26.36
CA GLU A 17 20.90 -6.10 26.78
C GLU A 17 19.78 -5.41 27.55
N ARG A 18 18.57 -5.48 27.01
CA ARG A 18 17.41 -4.89 27.66
C ARG A 18 16.22 -5.81 27.41
N GLN A 19 15.42 -6.04 28.44
CA GLN A 19 14.28 -6.92 28.34
C GLN A 19 13.13 -6.43 27.45
N ASP A 20 12.36 -7.39 26.94
CA ASP A 20 11.20 -7.16 26.08
C ASP A 20 9.97 -6.76 26.87
N THR A 21 9.51 -5.53 26.69
CA THR A 21 8.31 -5.10 27.37
C THR A 21 7.19 -4.93 26.34
N THR A 22 7.53 -5.13 25.07
CA THR A 22 6.54 -4.99 24.01
C THR A 22 5.48 -6.09 24.07
N HIS A 23 5.88 -7.30 24.41
CA HIS A 23 4.90 -8.39 24.47
C HIS A 23 3.85 -8.06 25.54
N LEU A 24 4.24 -7.31 26.56
CA LEU A 24 3.30 -6.95 27.62
C LEU A 24 2.21 -6.04 27.06
N ALA A 25 2.63 -5.07 26.24
CA ALA A 25 1.68 -4.14 25.64
C ALA A 25 0.72 -4.89 24.72
N ILE A 26 1.25 -5.85 23.97
CA ILE A 26 0.43 -6.65 23.07
C ILE A 26 -0.61 -7.44 23.85
N ARG A 27 -0.18 -8.12 24.91
CA ARG A 27 -1.10 -8.91 25.73
C ARG A 27 -2.24 -8.04 26.27
N GLU A 28 -1.91 -6.84 26.73
CA GLU A 28 -2.92 -5.94 27.28
C GLU A 28 -3.97 -5.53 26.24
N VAL A 29 -3.52 -5.30 25.01
CA VAL A 29 -4.45 -4.92 23.96
C VAL A 29 -5.44 -6.04 23.68
N LEU A 30 -4.95 -7.28 23.69
CA LEU A 30 -5.77 -8.45 23.43
C LEU A 30 -6.64 -8.89 24.59
N ALA A 31 -6.34 -8.37 25.78
CA ALA A 31 -7.09 -8.75 26.98
C ALA A 31 -8.58 -8.46 26.84
N GLY A 32 -9.40 -9.42 27.24
CA GLY A 32 -10.83 -9.27 27.16
C GLY A 32 -11.40 -9.68 25.82
N GLY A 33 -10.52 -9.96 24.86
CA GLY A 33 -10.96 -10.38 23.54
C GLY A 33 -10.86 -11.88 23.38
N PRO A 34 -11.37 -12.44 22.28
CA PRO A 34 -11.33 -13.89 22.01
C PRO A 34 -9.92 -14.33 21.63
N PHE A 35 -8.97 -14.03 22.52
CA PHE A 35 -7.56 -14.35 22.28
C PHE A 35 -6.89 -15.02 23.47
N GLU A 36 -6.01 -15.96 23.18
CA GLU A 36 -5.23 -16.65 24.20
C GLU A 36 -3.83 -16.80 23.63
N VAL A 37 -2.84 -16.18 24.28
CA VAL A 37 -1.46 -16.28 23.82
C VAL A 37 -0.93 -17.65 24.22
N ALA A 38 -0.66 -18.46 23.21
CA ALA A 38 -0.17 -19.83 23.42
C ALA A 38 1.32 -19.98 23.22
N ALA A 39 1.95 -18.98 22.61
CA ALA A 39 3.38 -19.09 22.35
C ALA A 39 4.10 -17.75 22.35
N TYR A 40 5.32 -17.74 22.87
CA TYR A 40 6.14 -16.55 22.88
C TYR A 40 7.58 -16.92 22.51
N GLU A 41 8.19 -16.14 21.64
CA GLU A 41 9.57 -16.39 21.23
C GLU A 41 10.27 -15.06 21.04
N LEU A 42 11.59 -15.07 21.22
CA LEU A 42 12.42 -13.89 21.07
C LEU A 42 13.60 -14.27 20.17
N VAL A 43 13.77 -13.53 19.08
CA VAL A 43 14.85 -13.78 18.13
C VAL A 43 15.51 -12.47 17.73
N PRO A 44 16.73 -12.54 17.18
CA PRO A 44 17.43 -11.32 16.75
C PRO A 44 16.98 -10.98 15.33
N ASP A 45 17.55 -9.91 14.75
CA ASP A 45 17.20 -9.50 13.40
C ASP A 45 17.90 -10.41 12.39
N GLU A 46 17.54 -11.69 12.42
CA GLU A 46 18.12 -12.67 11.52
C GLU A 46 17.00 -13.42 10.81
N PRO A 47 16.84 -13.18 9.50
CA PRO A 47 15.79 -13.83 8.72
C PRO A 47 15.59 -15.33 8.96
N PRO A 48 16.68 -16.12 8.98
CA PRO A 48 16.53 -17.56 9.21
C PRO A 48 15.84 -17.89 10.53
N MET A 49 16.19 -17.16 11.58
CA MET A 49 15.61 -17.40 12.90
C MET A 49 14.15 -16.94 12.96
N ILE A 50 13.84 -15.86 12.25
CA ILE A 50 12.47 -15.37 12.20
C ILE A 50 11.61 -16.39 11.46
N LYS A 51 12.08 -16.80 10.29
CA LYS A 51 11.34 -17.76 9.47
C LYS A 51 11.12 -19.08 10.20
N LYS A 52 12.13 -19.51 10.96
CA LYS A 52 12.04 -20.77 11.68
C LYS A 52 10.84 -20.80 12.63
N VAL A 53 10.64 -19.72 13.37
CA VAL A 53 9.52 -19.64 14.30
C VAL A 53 8.19 -19.51 13.56
N LEU A 54 8.16 -18.67 12.54
CA LEU A 54 6.93 -18.49 11.77
C LEU A 54 6.46 -19.81 11.16
N ARG A 55 7.39 -20.59 10.62
CA ARG A 55 7.04 -21.87 10.03
C ARG A 55 6.55 -22.85 11.10
N LEU A 56 7.25 -22.88 12.22
CA LEU A 56 6.89 -23.76 13.32
C LEU A 56 5.48 -23.48 13.80
N TRP A 57 5.19 -22.20 14.06
CA TRP A 57 3.88 -21.82 14.55
C TRP A 57 2.73 -21.98 13.57
N ALA A 58 2.98 -21.70 12.30
CA ALA A 58 1.93 -21.84 11.31
C ALA A 58 1.74 -23.29 10.86
N ASP A 59 2.86 -23.94 10.51
CA ASP A 59 2.84 -25.31 9.99
C ASP A 59 2.72 -26.45 10.98
N ARG A 60 3.42 -26.35 12.10
CA ARG A 60 3.41 -27.42 13.11
C ARG A 60 2.49 -27.18 14.31
N GLU A 61 2.53 -25.98 14.88
CA GLU A 61 1.73 -25.66 16.05
C GLU A 61 0.27 -25.31 15.73
N GLY A 62 0.00 -25.00 14.47
CA GLY A 62 -1.35 -24.67 14.07
C GLY A 62 -1.96 -23.42 14.71
N LEU A 63 -1.12 -22.49 15.13
CA LEU A 63 -1.62 -21.25 15.75
C LEU A 63 -2.53 -20.49 14.78
N ASP A 64 -3.48 -19.73 15.31
CA ASP A 64 -4.40 -18.98 14.47
C ASP A 64 -3.88 -17.61 14.07
N LEU A 65 -3.20 -16.96 15.01
CA LEU A 65 -2.67 -15.62 14.77
C LEU A 65 -1.25 -15.49 15.25
N ILE A 66 -0.38 -14.92 14.41
CA ILE A 66 0.99 -14.68 14.83
C ILE A 66 1.22 -13.18 14.76
N LEU A 67 1.61 -12.61 15.89
CA LEU A 67 1.92 -11.19 15.96
C LEU A 67 3.41 -11.03 16.19
N THR A 68 4.14 -10.59 15.18
CA THR A 68 5.55 -10.35 15.40
C THR A 68 5.65 -8.88 15.73
N ASN A 69 6.73 -8.49 16.40
CA ASN A 69 6.93 -7.07 16.69
C ASN A 69 8.42 -6.84 16.59
N GLY A 70 8.79 -5.74 15.93
CA GLY A 70 10.18 -5.39 15.76
C GLY A 70 10.73 -5.73 14.38
N GLY A 71 11.82 -5.07 14.02
CA GLY A 71 12.46 -5.33 12.74
C GLY A 71 11.70 -4.89 11.50
N THR A 72 10.78 -3.93 11.63
CA THR A 72 10.01 -3.48 10.46
C THR A 72 10.42 -2.09 9.98
N GLY A 73 11.38 -1.47 10.67
CA GLY A 73 11.82 -0.13 10.33
C GLY A 73 12.70 0.00 9.10
N LEU A 74 13.32 1.17 8.96
CA LEU A 74 14.17 1.47 7.81
C LEU A 74 15.65 1.21 8.05
N ALA A 75 16.01 0.70 9.22
CA ALA A 75 17.40 0.40 9.52
C ALA A 75 17.82 -0.79 8.67
N PRO A 76 19.09 -0.84 8.25
CA PRO A 76 19.60 -1.94 7.42
C PRO A 76 19.31 -3.35 7.97
N ARG A 77 19.37 -3.50 9.28
CA ARG A 77 19.14 -4.80 9.93
C ARG A 77 17.66 -5.21 10.01
N ASP A 78 16.75 -4.26 9.81
CA ASP A 78 15.32 -4.55 9.88
C ASP A 78 14.85 -5.37 8.68
N ARG A 79 14.69 -6.68 8.87
CA ARG A 79 14.25 -7.52 7.77
C ARG A 79 13.06 -8.42 8.08
N THR A 80 12.30 -8.07 9.12
CA THR A 80 11.14 -8.88 9.45
C THR A 80 10.12 -8.94 8.31
N PRO A 81 9.87 -7.81 7.62
CA PRO A 81 8.90 -7.82 6.52
C PRO A 81 9.29 -8.79 5.41
N GLU A 82 10.53 -8.70 4.95
CA GLU A 82 11.04 -9.59 3.92
C GLU A 82 10.91 -11.05 4.35
N ALA A 83 11.45 -11.35 5.52
CA ALA A 83 11.42 -12.70 6.06
C ALA A 83 9.99 -13.26 6.14
N THR A 84 9.05 -12.40 6.51
CA THR A 84 7.66 -12.82 6.62
C THR A 84 6.94 -12.96 5.28
N ARG A 85 7.06 -11.93 4.45
CA ARG A 85 6.40 -11.90 3.15
C ARG A 85 6.66 -13.13 2.30
N GLU A 86 7.89 -13.61 2.35
CA GLU A 86 8.30 -14.77 1.58
C GLU A 86 7.61 -16.06 1.98
N LEU A 87 7.00 -16.08 3.18
CA LEU A 87 6.31 -17.26 3.69
C LEU A 87 4.79 -17.18 3.53
N LEU A 88 4.29 -16.05 3.07
CA LEU A 88 2.85 -15.87 2.93
C LEU A 88 2.23 -16.41 1.63
N ASP A 89 1.05 -17.01 1.76
CA ASP A 89 0.34 -17.51 0.59
C ASP A 89 -0.27 -16.31 -0.10
N ARG A 90 -0.75 -15.35 0.70
CA ARG A 90 -1.36 -14.13 0.20
C ARG A 90 -1.22 -13.02 1.23
N GLU A 91 -1.25 -11.78 0.77
CA GLU A 91 -1.14 -10.64 1.67
C GLU A 91 -2.48 -9.97 1.89
N VAL A 92 -2.59 -9.27 3.01
CA VAL A 92 -3.79 -8.52 3.37
C VAL A 92 -3.26 -7.10 3.60
N PRO A 93 -3.02 -6.36 2.51
CA PRO A 93 -2.50 -4.98 2.56
C PRO A 93 -3.27 -4.03 3.47
N GLY A 94 -4.58 -4.21 3.53
CA GLY A 94 -5.40 -3.35 4.37
C GLY A 94 -5.00 -3.35 5.84
N LEU A 95 -4.49 -4.49 6.32
CA LEU A 95 -4.07 -4.58 7.72
C LEU A 95 -2.72 -3.91 7.91
N ALA A 96 -1.88 -3.98 6.87
CA ALA A 96 -0.56 -3.35 6.93
C ALA A 96 -0.78 -1.84 6.97
N GLU A 97 -1.79 -1.37 6.25
CA GLU A 97 -2.12 0.05 6.22
C GLU A 97 -2.64 0.50 7.58
N LEU A 98 -3.52 -0.31 8.18
CA LEU A 98 -4.06 0.04 9.49
C LEU A 98 -2.95 0.17 10.52
N MET A 99 -1.95 -0.71 10.45
CA MET A 99 -0.85 -0.68 11.40
C MET A 99 0.05 0.54 11.23
N ARG A 100 -0.02 1.18 10.06
CA ARG A 100 0.76 2.38 9.81
C ARG A 100 -0.04 3.62 10.23
N LEU A 101 -1.21 3.39 10.82
CA LEU A 101 -2.07 4.47 11.31
C LEU A 101 -2.30 5.54 10.24
N VAL A 102 -2.51 5.11 9.01
CA VAL A 102 -2.72 6.02 7.89
C VAL A 102 -3.96 6.89 8.07
N GLY A 103 -3.79 8.18 7.82
CA GLY A 103 -4.92 9.09 7.93
C GLY A 103 -4.92 10.06 9.11
N LEU A 104 -3.96 9.91 10.01
CA LEU A 104 -3.89 10.82 11.15
C LEU A 104 -3.48 12.19 10.64
N ARG A 105 -4.14 13.24 11.12
CA ARG A 105 -3.83 14.60 10.68
C ARG A 105 -2.33 14.85 10.79
N LYS A 106 -1.74 14.43 11.90
CA LYS A 106 -0.31 14.58 12.13
C LYS A 106 0.40 13.33 11.61
N THR A 107 1.28 13.50 10.62
CA THR A 107 2.01 12.36 10.05
C THR A 107 2.59 11.49 11.16
N PRO A 108 2.21 10.21 11.20
CA PRO A 108 2.70 9.29 12.22
C PRO A 108 4.02 8.63 11.90
N MET A 109 4.80 8.37 12.95
CA MET A 109 6.08 7.69 12.77
C MET A 109 5.77 6.27 12.34
N ALA A 110 4.53 5.84 12.57
CA ALA A 110 4.12 4.49 12.20
C ALA A 110 4.18 4.31 10.68
N ALA A 111 4.17 5.41 9.94
CA ALA A 111 4.25 5.33 8.49
C ALA A 111 5.60 4.74 8.07
N LEU A 112 6.56 4.76 8.99
CA LEU A 112 7.89 4.23 8.69
C LEU A 112 8.00 2.74 8.95
N SER A 113 6.88 2.09 9.26
CA SER A 113 6.92 0.64 9.47
C SER A 113 6.62 -0.06 8.15
N ARG A 114 7.49 -0.99 7.77
CA ARG A 114 7.32 -1.73 6.53
C ARG A 114 6.65 -3.08 6.79
N GLY A 115 6.13 -3.26 8.00
CA GLY A 115 5.47 -4.51 8.33
C GLY A 115 4.37 -4.91 7.37
N VAL A 116 4.30 -6.21 7.08
CA VAL A 116 3.27 -6.74 6.19
C VAL A 116 2.26 -7.55 6.99
N ALA A 117 1.19 -7.96 6.33
CA ALA A 117 0.16 -8.79 6.97
C ALA A 117 -0.27 -9.79 5.91
N GLY A 118 -0.49 -11.04 6.30
CA GLY A 118 -0.89 -12.00 5.32
C GLY A 118 -1.27 -13.32 5.94
N VAL A 119 -1.54 -14.29 5.08
CA VAL A 119 -1.95 -15.61 5.53
C VAL A 119 -1.00 -16.69 5.04
N ARG A 120 -0.72 -17.65 5.91
CA ARG A 120 0.08 -18.82 5.56
C ARG A 120 -0.78 -19.97 6.09
N GLY A 121 -1.25 -20.81 5.16
CA GLY A 121 -2.11 -21.93 5.55
C GLY A 121 -3.38 -21.35 6.15
N ARG A 122 -3.64 -21.66 7.42
CA ARG A 122 -4.80 -21.13 8.11
C ARG A 122 -4.36 -20.23 9.26
N THR A 123 -3.22 -19.57 9.08
CA THR A 123 -2.66 -18.67 10.10
C THR A 123 -2.53 -17.24 9.57
N LEU A 124 -3.03 -16.29 10.33
CA LEU A 124 -2.95 -14.87 9.97
C LEU A 124 -1.71 -14.32 10.67
N ILE A 125 -0.84 -13.64 9.91
CA ILE A 125 0.40 -13.11 10.44
C ILE A 125 0.48 -11.60 10.23
N LEU A 126 0.78 -10.87 11.31
CA LEU A 126 0.92 -9.42 11.24
C LEU A 126 2.26 -8.97 11.80
N ASN A 127 2.94 -8.08 11.09
CA ASN A 127 4.23 -7.53 11.53
C ASN A 127 3.98 -6.19 12.23
N LEU A 128 4.00 -6.18 13.56
CA LEU A 128 3.81 -4.94 14.31
C LEU A 128 5.14 -4.23 14.52
N PRO A 129 5.11 -2.90 14.75
CA PRO A 129 6.36 -2.17 14.99
C PRO A 129 6.94 -2.68 16.32
N GLY A 130 8.22 -2.43 16.56
CA GLY A 130 8.87 -2.95 17.77
C GLY A 130 8.74 -2.34 19.16
N SER A 131 8.42 -1.06 19.28
CA SER A 131 8.32 -0.50 20.62
C SER A 131 6.98 -0.81 21.28
N PRO A 132 6.89 -0.68 22.62
CA PRO A 132 5.60 -0.95 23.28
C PRO A 132 4.57 0.01 22.69
N LYS A 133 4.95 1.28 22.55
CA LYS A 133 4.04 2.27 21.97
C LYS A 133 3.67 1.88 20.55
N GLY A 134 4.68 1.55 19.76
CA GLY A 134 4.45 1.18 18.37
C GLY A 134 3.54 -0.02 18.20
N ALA A 135 3.88 -1.13 18.85
CA ALA A 135 3.06 -2.33 18.74
C ALA A 135 1.65 -2.09 19.28
N ARG A 136 1.57 -1.42 20.42
CA ARG A 136 0.26 -1.15 21.04
C ARG A 136 -0.66 -0.40 20.10
N GLU A 137 -0.20 0.73 19.60
CA GLU A 137 -1.01 1.56 18.72
C GLU A 137 -1.36 0.88 17.40
N SER A 138 -0.43 0.16 16.80
CA SER A 138 -0.73 -0.53 15.55
C SER A 138 -1.75 -1.67 15.79
N LEU A 139 -1.60 -2.38 16.90
CA LEU A 139 -2.50 -3.49 17.20
C LEU A 139 -3.89 -2.96 17.53
N GLU A 140 -3.97 -1.83 18.22
CA GLU A 140 -5.27 -1.25 18.55
C GLU A 140 -6.00 -0.87 17.25
N ALA A 141 -5.24 -0.46 16.24
CA ALA A 141 -5.83 -0.07 14.97
C ALA A 141 -6.51 -1.25 14.28
N VAL A 142 -5.91 -2.43 14.36
CA VAL A 142 -6.50 -3.61 13.70
C VAL A 142 -7.46 -4.43 14.56
N LEU A 143 -7.39 -4.26 15.86
CA LEU A 143 -8.22 -5.03 16.78
C LEU A 143 -9.70 -5.16 16.41
N PRO A 144 -10.36 -4.04 16.08
CA PRO A 144 -11.79 -4.06 15.72
C PRO A 144 -12.20 -5.06 14.64
N VAL A 145 -11.30 -5.35 13.70
CA VAL A 145 -11.62 -6.28 12.62
C VAL A 145 -10.86 -7.60 12.72
N LEU A 146 -10.04 -7.73 13.75
CA LEU A 146 -9.23 -8.92 13.93
C LEU A 146 -10.02 -10.23 14.13
N PRO A 147 -11.02 -10.23 15.02
CA PRO A 147 -11.77 -11.48 15.19
C PRO A 147 -12.44 -11.91 13.88
N HIS A 148 -13.04 -10.96 13.18
CA HIS A 148 -13.70 -11.29 11.92
C HIS A 148 -12.71 -11.86 10.91
N ALA A 149 -11.56 -11.21 10.78
CA ALA A 149 -10.53 -11.66 9.86
C ALA A 149 -10.11 -13.09 10.18
N LEU A 150 -9.90 -13.38 11.46
CA LEU A 150 -9.48 -14.71 11.88
C LEU A 150 -10.54 -15.77 11.61
N SER A 151 -11.81 -15.42 11.78
CA SER A 151 -12.87 -16.39 11.52
C SER A 151 -12.84 -16.81 10.05
N LEU A 152 -12.55 -15.87 9.16
CA LEU A 152 -12.48 -16.16 7.73
C LEU A 152 -11.24 -16.99 7.39
N VAL A 153 -10.11 -16.59 7.95
CA VAL A 153 -8.85 -17.26 7.70
C VAL A 153 -8.78 -18.68 8.28
N THR A 154 -9.21 -18.81 9.53
CA THR A 154 -9.17 -20.10 10.24
C THR A 154 -10.38 -21.00 10.03
N GLY A 155 -11.51 -20.41 9.68
CA GLY A 155 -12.72 -21.20 9.49
C GLY A 155 -13.46 -21.40 10.80
N LYS A 156 -12.86 -20.92 11.88
CA LYS A 156 -13.45 -21.05 13.21
C LYS A 156 -14.48 -19.95 13.42
N PRO A 157 -15.70 -20.32 13.84
CA PRO A 157 -16.79 -19.38 14.09
C PRO A 157 -16.53 -18.36 15.19
N TRP A 158 -17.26 -17.26 15.17
CA TRP A 158 -17.12 -16.22 16.18
C TRP A 158 -18.33 -15.28 16.21
N LYS A 159 -18.88 -15.10 17.40
CA LYS A 159 -20.04 -14.21 17.61
C LYS A 159 -19.69 -12.79 17.17
N MET B 1 21.75 16.49 9.27
CA MET B 1 21.94 17.14 7.93
C MET B 1 22.10 16.05 6.86
N PHE B 2 21.18 16.04 5.90
CA PHE B 2 21.20 15.04 4.85
C PHE B 2 21.31 15.65 3.45
N ARG B 3 22.16 15.04 2.62
CA ARG B 3 22.38 15.51 1.26
C ARG B 3 21.26 15.02 0.37
N VAL B 4 20.62 15.97 -0.32
CA VAL B 4 19.48 15.68 -1.18
C VAL B 4 19.73 15.96 -2.64
N GLY B 5 19.19 15.08 -3.48
CA GLY B 5 19.30 15.26 -4.92
C GLY B 5 17.87 15.41 -5.43
N ILE B 6 17.64 16.37 -6.32
CA ILE B 6 16.30 16.57 -6.88
C ILE B 6 16.38 16.22 -8.36
N LEU B 7 15.60 15.23 -8.78
CA LEU B 7 15.59 14.79 -10.17
C LEU B 7 14.25 15.07 -10.83
N THR B 8 14.25 15.99 -11.80
CA THR B 8 13.02 16.33 -12.50
C THR B 8 12.90 15.47 -13.76
N VAL B 9 11.92 14.58 -13.76
CA VAL B 9 11.67 13.66 -14.86
C VAL B 9 10.61 14.08 -15.87
N SER B 10 11.05 14.39 -17.09
CA SER B 10 10.15 14.79 -18.17
C SER B 10 10.96 14.97 -19.44
N ASP B 11 10.32 14.80 -20.60
CA ASP B 11 11.00 14.97 -21.88
C ASP B 11 10.87 16.47 -22.15
N LYS B 12 9.82 17.08 -21.59
CA LYS B 12 9.57 18.50 -21.79
C LYS B 12 10.65 19.40 -21.20
N GLY B 13 11.59 18.80 -20.48
CA GLY B 13 12.67 19.58 -19.89
C GLY B 13 13.83 19.71 -20.85
N PHE B 14 13.69 19.12 -22.04
CA PHE B 14 14.74 19.17 -23.05
C PHE B 14 14.18 19.77 -24.34
N ARG B 15 13.25 20.71 -24.18
CA ARG B 15 12.59 21.36 -25.31
C ARG B 15 12.75 22.87 -25.28
N GLY B 16 13.84 23.35 -24.71
CA GLY B 16 14.06 24.77 -24.69
C GLY B 16 13.77 25.45 -23.36
N GLU B 17 13.60 26.77 -23.43
CA GLU B 17 13.36 27.58 -22.25
C GLU B 17 12.08 27.54 -21.42
N ARG B 18 12.26 27.13 -20.16
CA ARG B 18 11.21 27.05 -19.15
C ARG B 18 11.98 26.86 -17.85
N GLN B 19 11.52 27.51 -16.79
CA GLN B 19 12.19 27.37 -15.51
C GLN B 19 11.48 26.22 -14.82
N ASP B 20 12.27 25.33 -14.23
CA ASP B 20 11.75 24.17 -13.52
C ASP B 20 11.17 24.66 -12.21
N THR B 21 9.87 24.96 -12.19
CA THR B 21 9.22 25.45 -11.00
C THR B 21 8.94 24.39 -9.93
N THR B 22 8.92 23.12 -10.31
CA THR B 22 8.68 22.07 -9.34
C THR B 22 9.94 21.94 -8.48
N HIS B 23 11.09 21.98 -9.14
CA HIS B 23 12.38 21.92 -8.46
C HIS B 23 12.38 23.00 -7.35
N LEU B 24 11.95 24.20 -7.71
CA LEU B 24 11.91 25.31 -6.75
C LEU B 24 10.93 25.09 -5.61
N ALA B 25 9.79 24.47 -5.90
CA ALA B 25 8.80 24.21 -4.87
C ALA B 25 9.36 23.22 -3.85
N ILE B 26 10.08 22.22 -4.35
CA ILE B 26 10.70 21.22 -3.48
C ILE B 26 11.73 21.86 -2.55
N ARG B 27 12.60 22.70 -3.09
CA ARG B 27 13.60 23.37 -2.26
C ARG B 27 12.94 24.15 -1.13
N GLU B 28 11.82 24.80 -1.41
CA GLU B 28 11.12 25.60 -0.41
C GLU B 28 10.63 24.76 0.76
N VAL B 29 10.10 23.58 0.47
CA VAL B 29 9.60 22.71 1.53
C VAL B 29 10.73 22.29 2.46
N LEU B 30 11.90 22.00 1.87
CA LEU B 30 13.06 21.55 2.63
C LEU B 30 13.75 22.67 3.42
N ALA B 31 13.65 23.90 2.92
CA ALA B 31 14.27 25.05 3.55
C ALA B 31 14.08 25.08 5.07
N GLY B 32 15.20 25.22 5.79
CA GLY B 32 15.14 25.27 7.24
C GLY B 32 15.35 23.93 7.91
N GLY B 33 15.06 22.85 7.20
CA GLY B 33 15.23 21.53 7.77
C GLY B 33 16.65 20.99 7.62
N PRO B 34 16.94 19.82 8.19
CA PRO B 34 18.27 19.20 8.12
C PRO B 34 18.54 18.66 6.72
N PHE B 35 18.40 19.54 5.74
CA PHE B 35 18.59 19.18 4.34
C PHE B 35 19.48 20.15 3.60
N GLU B 36 20.29 19.62 2.70
CA GLU B 36 21.15 20.45 1.86
C GLU B 36 21.07 19.83 0.48
N VAL B 37 20.59 20.62 -0.49
CA VAL B 37 20.45 20.16 -1.86
C VAL B 37 21.82 20.14 -2.51
N ALA B 38 22.33 18.93 -2.71
CA ALA B 38 23.66 18.73 -3.27
C ALA B 38 23.66 18.38 -4.74
N ALA B 39 22.47 18.19 -5.32
CA ALA B 39 22.39 17.85 -6.73
C ALA B 39 21.02 18.15 -7.31
N TYR B 40 21.02 18.51 -8.59
CA TYR B 40 19.79 18.79 -9.33
C TYR B 40 20.03 18.50 -10.80
N GLU B 41 19.19 17.64 -11.36
CA GLU B 41 19.30 17.29 -12.78
C GLU B 41 17.93 17.09 -13.42
N LEU B 42 17.89 17.26 -14.73
CA LEU B 42 16.67 17.05 -15.51
C LEU B 42 16.97 15.76 -16.26
N VAL B 43 15.97 14.91 -16.42
CA VAL B 43 16.18 13.66 -17.13
C VAL B 43 14.93 13.37 -17.97
N PRO B 44 15.12 12.79 -19.17
CA PRO B 44 13.99 12.47 -20.05
C PRO B 44 13.10 11.38 -19.46
N ASP B 45 11.94 11.19 -20.07
CA ASP B 45 10.99 10.16 -19.63
C ASP B 45 11.49 8.88 -20.28
N GLU B 46 12.71 8.47 -19.93
CA GLU B 46 13.28 7.26 -20.49
C GLU B 46 13.81 6.47 -19.30
N PRO B 47 13.14 5.38 -18.94
CA PRO B 47 13.55 4.53 -17.82
C PRO B 47 15.07 4.32 -17.73
N PRO B 48 15.72 3.96 -18.86
CA PRO B 48 17.17 3.73 -18.85
C PRO B 48 17.95 4.91 -18.30
N MET B 49 17.57 6.11 -18.73
CA MET B 49 18.25 7.31 -18.28
C MET B 49 17.90 7.69 -16.86
N ILE B 50 16.66 7.46 -16.45
CA ILE B 50 16.25 7.76 -15.09
C ILE B 50 17.09 6.88 -14.17
N LYS B 51 17.17 5.60 -14.51
CA LYS B 51 17.93 4.64 -13.73
C LYS B 51 19.42 4.96 -13.64
N LYS B 52 20.01 5.46 -14.72
CA LYS B 52 21.43 5.80 -14.71
C LYS B 52 21.73 6.88 -13.66
N VAL B 53 20.89 7.90 -13.63
CA VAL B 53 21.06 8.99 -12.66
C VAL B 53 20.82 8.50 -11.25
N LEU B 54 19.73 7.76 -11.03
CA LEU B 54 19.44 7.25 -9.70
C LEU B 54 20.56 6.34 -9.22
N ARG B 55 21.10 5.56 -10.15
CA ARG B 55 22.19 4.64 -9.83
C ARG B 55 23.43 5.43 -9.44
N LEU B 56 23.74 6.44 -10.23
CA LEU B 56 24.90 7.30 -9.99
C LEU B 56 24.80 8.01 -8.63
N TRP B 57 23.67 8.67 -8.42
CA TRP B 57 23.44 9.42 -7.19
C TRP B 57 23.49 8.58 -5.92
N ALA B 58 22.95 7.37 -5.98
CA ALA B 58 22.94 6.51 -4.81
C ALA B 58 24.26 5.76 -4.65
N ASP B 59 24.66 5.03 -5.69
CA ASP B 59 25.88 4.22 -5.65
C ASP B 59 27.19 4.98 -5.61
N ARG B 60 27.33 6.01 -6.43
CA ARG B 60 28.59 6.75 -6.47
C ARG B 60 28.64 8.03 -5.65
N GLU B 61 27.66 8.92 -5.86
CA GLU B 61 27.63 10.18 -5.13
C GLU B 61 27.29 9.99 -3.65
N GLY B 62 26.58 8.91 -3.34
CA GLY B 62 26.21 8.62 -1.96
C GLY B 62 25.21 9.58 -1.34
N LEU B 63 24.29 10.09 -2.14
CA LEU B 63 23.28 10.99 -1.60
C LEU B 63 22.43 10.26 -0.58
N ASP B 64 21.90 11.01 0.39
CA ASP B 64 21.07 10.44 1.44
C ASP B 64 19.62 10.35 1.02
N LEU B 65 19.17 11.36 0.29
CA LEU B 65 17.79 11.42 -0.16
C LEU B 65 17.71 11.81 -1.63
N ILE B 66 16.88 11.09 -2.38
CA ILE B 66 16.67 11.45 -3.77
C ILE B 66 15.19 11.68 -3.95
N LEU B 67 14.84 12.90 -4.35
CA LEU B 67 13.46 13.25 -4.61
C LEU B 67 13.28 13.43 -6.10
N THR B 68 12.61 12.48 -6.74
CA THR B 68 12.35 12.61 -8.16
C THR B 68 10.98 13.26 -8.20
N ASN B 69 10.65 13.93 -9.29
CA ASN B 69 9.34 14.54 -9.43
C ASN B 69 8.90 14.36 -10.86
N GLY B 70 7.64 13.96 -11.05
CA GLY B 70 7.09 13.74 -12.37
C GLY B 70 7.11 12.29 -12.86
N GLY B 71 6.28 12.00 -13.86
CA GLY B 71 6.22 10.67 -14.43
C GLY B 71 5.57 9.61 -13.57
N THR B 72 4.72 10.03 -12.65
CA THR B 72 4.04 9.10 -11.74
C THR B 72 2.55 8.99 -12.02
N GLY B 73 2.09 9.64 -13.09
CA GLY B 73 0.68 9.62 -13.44
C GLY B 73 0.20 8.33 -14.09
N LEU B 74 -1.04 8.36 -14.57
CA LEU B 74 -1.64 7.20 -15.21
C LEU B 74 -1.35 7.12 -16.71
N ALA B 75 -0.67 8.13 -17.24
CA ALA B 75 -0.33 8.15 -18.66
C ALA B 75 0.69 7.06 -18.97
N PRO B 76 0.53 6.39 -20.12
CA PRO B 76 1.43 5.31 -20.55
C PRO B 76 2.90 5.72 -20.60
N ARG B 77 3.17 7.01 -20.67
CA ARG B 77 4.55 7.49 -20.74
C ARG B 77 5.16 7.66 -19.34
N ASP B 78 4.32 7.83 -18.33
CA ASP B 78 4.78 7.98 -16.96
C ASP B 78 5.28 6.64 -16.43
N ARG B 79 6.59 6.44 -16.45
CA ARG B 79 7.17 5.19 -15.98
C ARG B 79 8.21 5.38 -14.89
N THR B 80 8.19 6.53 -14.23
CA THR B 80 9.14 6.81 -13.16
C THR B 80 9.05 5.78 -12.03
N PRO B 81 7.82 5.36 -11.67
CA PRO B 81 7.69 4.37 -10.59
C PRO B 81 8.32 3.04 -10.96
N GLU B 82 8.04 2.57 -12.18
CA GLU B 82 8.60 1.30 -12.64
C GLU B 82 10.12 1.36 -12.69
N ALA B 83 10.65 2.45 -13.23
CA ALA B 83 12.09 2.61 -13.33
C ALA B 83 12.74 2.60 -11.95
N THR B 84 12.08 3.26 -11.00
CA THR B 84 12.58 3.34 -9.64
C THR B 84 12.52 2.01 -8.90
N ARG B 85 11.37 1.35 -8.94
CA ARG B 85 11.20 0.07 -8.26
C ARG B 85 12.29 -0.92 -8.61
N GLU B 86 12.67 -0.93 -9.89
CA GLU B 86 13.70 -1.85 -10.36
C GLU B 86 15.07 -1.62 -9.76
N LEU B 87 15.27 -0.45 -9.15
CA LEU B 87 16.56 -0.11 -8.53
C LEU B 87 16.55 -0.20 -7.00
N LEU B 88 15.38 -0.39 -6.42
CA LEU B 88 15.26 -0.46 -4.96
C LEU B 88 15.58 -1.82 -4.36
N ASP B 89 16.20 -1.80 -3.17
CA ASP B 89 16.52 -3.05 -2.48
C ASP B 89 15.28 -3.44 -1.67
N ARG B 90 14.52 -2.42 -1.27
CA ARG B 90 13.30 -2.63 -0.51
C ARG B 90 12.44 -1.37 -0.58
N GLU B 91 11.14 -1.51 -0.40
CA GLU B 91 10.25 -0.37 -0.46
C GLU B 91 9.74 0.09 0.89
N VAL B 92 9.24 1.33 0.93
CA VAL B 92 8.69 1.91 2.15
C VAL B 92 7.30 2.40 1.76
N PRO B 93 6.35 1.47 1.63
CA PRO B 93 4.97 1.80 1.25
C PRO B 93 4.34 2.93 2.04
N GLY B 94 4.66 3.01 3.33
CA GLY B 94 4.10 4.06 4.16
C GLY B 94 4.37 5.45 3.63
N LEU B 95 5.52 5.65 3.01
CA LEU B 95 5.86 6.96 2.47
C LEU B 95 5.10 7.21 1.17
N ALA B 96 4.89 6.15 0.38
CA ALA B 96 4.16 6.27 -0.87
C ALA B 96 2.72 6.65 -0.52
N GLU B 97 2.21 6.10 0.58
CA GLU B 97 0.85 6.41 1.02
C GLU B 97 0.77 7.86 1.48
N LEU B 98 1.78 8.33 2.20
CA LEU B 98 1.78 9.71 2.66
C LEU B 98 1.77 10.66 1.48
N MET B 99 2.53 10.34 0.43
CA MET B 99 2.59 11.21 -0.74
C MET B 99 1.27 11.27 -1.50
N ARG B 100 0.41 10.28 -1.28
CA ARG B 100 -0.90 10.27 -1.93
C ARG B 100 -1.92 10.98 -1.05
N LEU B 101 -1.46 11.49 0.09
CA LEU B 101 -2.30 12.22 1.05
C LEU B 101 -3.50 11.40 1.51
N VAL B 102 -3.30 10.09 1.66
CA VAL B 102 -4.36 9.18 2.05
C VAL B 102 -5.05 9.52 3.37
N GLY B 103 -6.38 9.65 3.31
CA GLY B 103 -7.17 9.94 4.48
C GLY B 103 -7.07 11.35 5.07
N LEU B 104 -6.35 12.23 4.40
CA LEU B 104 -6.20 13.60 4.90
C LEU B 104 -7.32 14.54 4.48
N ARG B 105 -8.08 14.13 3.46
CA ARG B 105 -9.17 14.94 2.95
C ARG B 105 -8.65 16.28 2.43
N LYS B 106 -7.47 16.26 1.82
CA LYS B 106 -6.85 17.47 1.28
C LYS B 106 -6.92 17.77 -0.22
N THR B 107 -6.54 16.78 -1.02
CA THR B 107 -6.54 16.92 -2.48
C THR B 107 -6.81 15.49 -2.93
N PRO B 108 -8.02 15.21 -3.44
CA PRO B 108 -8.44 13.89 -3.90
C PRO B 108 -7.58 13.36 -5.06
N MET B 109 -7.29 14.22 -6.03
CA MET B 109 -6.49 13.81 -7.19
C MET B 109 -5.12 13.24 -6.84
N ALA B 110 -4.61 13.60 -5.66
CA ALA B 110 -3.30 13.12 -5.22
C ALA B 110 -3.25 11.60 -5.11
N ALA B 111 -4.42 10.98 -5.01
CA ALA B 111 -4.49 9.52 -4.89
C ALA B 111 -4.10 8.79 -6.16
N LEU B 112 -4.05 9.49 -7.29
CA LEU B 112 -3.71 8.85 -8.55
C LEU B 112 -2.22 8.67 -8.81
N SER B 113 -1.38 9.21 -7.94
CA SER B 113 0.06 9.07 -8.10
C SER B 113 0.51 7.63 -7.84
N ARG B 114 1.31 7.09 -8.76
CA ARG B 114 1.82 5.74 -8.63
C ARG B 114 3.24 5.78 -8.09
N GLY B 115 3.68 6.95 -7.64
CA GLY B 115 5.03 7.08 -7.12
C GLY B 115 5.32 6.11 -6.00
N VAL B 116 6.53 5.54 -6.00
CA VAL B 116 6.93 4.63 -4.95
C VAL B 116 7.96 5.29 -4.05
N ALA B 117 8.32 4.60 -2.97
CA ALA B 117 9.33 5.07 -2.04
C ALA B 117 10.11 3.84 -1.62
N GLY B 118 11.43 3.98 -1.50
CA GLY B 118 12.23 2.86 -1.11
C GLY B 118 13.67 3.21 -0.82
N VAL B 119 14.46 2.17 -0.56
CA VAL B 119 15.86 2.36 -0.26
C VAL B 119 16.75 1.56 -1.20
N ARG B 120 17.86 2.17 -1.60
CA ARG B 120 18.86 1.51 -2.43
C ARG B 120 20.14 1.84 -1.70
N GLY B 121 20.83 0.81 -1.23
CA GLY B 121 22.06 1.03 -0.49
C GLY B 121 21.74 1.82 0.78
N ARG B 122 22.27 3.03 0.88
CA ARG B 122 22.00 3.88 2.02
C ARG B 122 21.36 5.18 1.55
N THR B 123 20.52 5.06 0.52
CA THR B 123 19.83 6.21 -0.05
C THR B 123 18.32 6.00 -0.09
N LEU B 124 17.58 6.97 0.44
CA LEU B 124 16.13 6.91 0.44
C LEU B 124 15.66 7.62 -0.82
N ILE B 125 14.77 6.98 -1.58
CA ILE B 125 14.26 7.54 -2.82
C ILE B 125 12.76 7.64 -2.80
N LEU B 126 12.25 8.84 -3.08
CA LEU B 126 10.81 9.09 -3.13
C LEU B 126 10.41 9.67 -4.49
N ASN B 127 9.33 9.14 -5.06
CA ASN B 127 8.81 9.61 -6.34
C ASN B 127 7.68 10.61 -6.05
N LEU B 128 7.94 11.91 -6.21
CA LEU B 128 6.93 12.94 -6.00
C LEU B 128 6.21 13.23 -7.33
N PRO B 129 4.97 13.73 -7.27
CA PRO B 129 4.23 14.06 -8.50
C PRO B 129 4.99 15.17 -9.25
N GLY B 130 4.59 15.42 -10.49
CA GLY B 130 5.27 16.40 -11.31
C GLY B 130 4.90 17.88 -11.26
N SER B 131 3.72 18.21 -10.73
CA SER B 131 3.32 19.61 -10.66
C SER B 131 3.87 20.27 -9.40
N PRO B 132 4.09 21.59 -9.44
CA PRO B 132 4.60 22.30 -8.26
C PRO B 132 3.72 22.06 -7.05
N LYS B 133 2.41 22.19 -7.23
CA LYS B 133 1.47 21.98 -6.14
C LYS B 133 1.48 20.54 -5.66
N GLY B 134 1.50 19.60 -6.59
CA GLY B 134 1.52 18.19 -6.25
C GLY B 134 2.76 17.78 -5.48
N ALA B 135 3.92 18.13 -6.00
CA ALA B 135 5.19 17.81 -5.35
C ALA B 135 5.22 18.42 -3.96
N ARG B 136 4.76 19.67 -3.86
CA ARG B 136 4.74 20.38 -2.59
C ARG B 136 3.91 19.68 -1.53
N GLU B 137 2.67 19.36 -1.85
CA GLU B 137 1.79 18.72 -0.90
C GLU B 137 2.28 17.33 -0.49
N SER B 138 2.76 16.57 -1.46
CA SER B 138 3.26 15.23 -1.17
C SER B 138 4.50 15.28 -0.29
N LEU B 139 5.39 16.25 -0.54
CA LEU B 139 6.60 16.35 0.25
C LEU B 139 6.30 16.87 1.66
N GLU B 140 5.36 17.80 1.78
CA GLU B 140 5.00 18.32 3.09
C GLU B 140 4.38 17.23 3.94
N ALA B 141 3.71 16.27 3.29
CA ALA B 141 3.07 15.18 4.01
C ALA B 141 4.10 14.24 4.65
N VAL B 142 5.24 14.07 3.99
CA VAL B 142 6.29 13.20 4.51
C VAL B 142 7.31 13.93 5.39
N LEU B 143 7.43 15.24 5.21
CA LEU B 143 8.40 16.04 5.94
C LEU B 143 8.55 15.77 7.44
N PRO B 144 7.43 15.63 8.17
CA PRO B 144 7.51 15.39 9.60
C PRO B 144 8.31 14.17 10.05
N VAL B 145 8.34 13.13 9.22
CA VAL B 145 9.06 11.91 9.56
C VAL B 145 10.26 11.66 8.65
N LEU B 146 10.55 12.60 7.77
CA LEU B 146 11.66 12.44 6.84
C LEU B 146 13.03 12.41 7.53
N PRO B 147 13.30 13.33 8.47
CA PRO B 147 14.61 13.27 9.13
C PRO B 147 14.83 11.94 9.86
N HIS B 148 13.81 11.49 10.59
CA HIS B 148 13.91 10.23 11.33
C HIS B 148 14.17 9.09 10.36
N ALA B 149 13.43 9.08 9.26
CA ALA B 149 13.59 8.05 8.24
C ALA B 149 15.01 8.02 7.70
N LEU B 150 15.53 9.20 7.35
CA LEU B 150 16.88 9.30 6.80
C LEU B 150 17.96 8.88 7.80
N SER B 151 17.77 9.18 9.08
CA SER B 151 18.76 8.80 10.07
C SER B 151 18.90 7.27 10.15
N LEU B 152 17.78 6.56 9.98
CA LEU B 152 17.80 5.11 10.03
C LEU B 152 18.43 4.50 8.77
N VAL B 153 18.06 5.04 7.62
CA VAL B 153 18.57 4.58 6.33
C VAL B 153 20.06 4.84 6.15
N THR B 154 20.48 6.06 6.53
CA THR B 154 21.86 6.48 6.34
C THR B 154 22.78 6.27 7.53
N GLY B 155 22.19 6.16 8.71
CA GLY B 155 22.99 5.98 9.90
C GLY B 155 23.59 7.31 10.35
N LYS B 156 23.21 8.39 9.67
CA LYS B 156 23.72 9.72 9.98
C LYS B 156 22.80 10.44 10.97
N PRO B 157 23.38 11.26 11.86
CA PRO B 157 22.60 12.02 12.85
C PRO B 157 22.05 13.32 12.28
N TRP B 158 21.17 13.97 13.04
CA TRP B 158 20.60 15.25 12.62
C TRP B 158 20.14 16.01 13.85
N LYS B 159 20.08 17.33 13.73
CA LYS B 159 19.67 18.18 14.84
C LYS B 159 18.26 18.73 14.60
N GLU B 160 17.45 18.75 15.65
CA GLU B 160 16.08 19.24 15.55
C GLU B 160 16.00 20.76 15.71
N GLY B 161 16.07 21.48 14.59
CA GLY B 161 16.00 22.93 14.64
C GLY B 161 16.11 23.57 13.27
N HIS B 162 16.48 24.85 13.24
CA HIS B 162 16.64 25.57 11.98
C HIS B 162 18.01 25.34 11.37
N HIS B 163 18.06 25.24 10.04
CA HIS B 163 19.30 25.03 9.31
C HIS B 163 19.40 26.00 8.14
N MET C 1 -19.00 9.64 -23.07
CA MET C 1 -18.72 9.21 -21.68
C MET C 1 -17.97 7.88 -21.62
N PHE C 2 -18.06 7.21 -20.47
CA PHE C 2 -17.35 5.95 -20.28
C PHE C 2 -18.25 4.73 -20.15
N ARG C 3 -17.91 3.68 -20.88
CA ARG C 3 -18.68 2.44 -20.86
C ARG C 3 -18.17 1.56 -19.72
N VAL C 4 -19.09 1.09 -18.89
CA VAL C 4 -18.72 0.27 -17.74
C VAL C 4 -19.22 -1.17 -17.80
N GLY C 5 -18.45 -2.07 -17.18
CA GLY C 5 -18.82 -3.45 -17.10
C GLY C 5 -18.85 -3.81 -15.63
N ILE C 6 -19.91 -4.47 -15.18
CA ILE C 6 -20.03 -4.87 -13.78
C ILE C 6 -19.94 -6.39 -13.68
N LEU C 7 -18.89 -6.88 -13.02
CA LEU C 7 -18.70 -8.31 -12.87
C LEU C 7 -18.85 -8.73 -11.42
N THR C 8 -19.93 -9.46 -11.13
CA THR C 8 -20.15 -9.94 -9.78
C THR C 8 -19.50 -11.32 -9.65
N VAL C 9 -18.65 -11.47 -8.63
CA VAL C 9 -17.95 -12.72 -8.38
C VAL C 9 -18.49 -13.31 -7.09
N SER C 10 -19.15 -14.46 -7.18
CA SER C 10 -19.73 -15.05 -5.99
C SER C 10 -20.05 -16.52 -6.26
N ASP C 11 -19.62 -17.41 -5.38
CA ASP C 11 -19.91 -18.83 -5.56
C ASP C 11 -21.40 -19.00 -5.30
N LYS C 12 -21.87 -18.46 -4.17
CA LYS C 12 -23.27 -18.55 -3.80
C LYS C 12 -24.21 -17.99 -4.84
N GLY C 13 -23.89 -16.80 -5.35
CA GLY C 13 -24.73 -16.18 -6.36
C GLY C 13 -24.74 -16.96 -7.66
N PHE C 14 -23.57 -17.41 -8.08
CA PHE C 14 -23.46 -18.16 -9.32
C PHE C 14 -24.24 -19.48 -9.29
N ARG C 15 -24.19 -20.18 -8.16
CA ARG C 15 -24.90 -21.45 -8.05
C ARG C 15 -26.36 -21.27 -7.65
N GLY C 16 -26.79 -20.01 -7.63
CA GLY C 16 -28.18 -19.71 -7.31
C GLY C 16 -28.57 -19.80 -5.85
N GLU C 17 -27.61 -19.85 -4.94
CA GLU C 17 -27.92 -19.95 -3.52
C GLU C 17 -28.44 -18.61 -2.99
N ARG C 18 -27.99 -17.51 -3.60
CA ARG C 18 -28.45 -16.19 -3.18
C ARG C 18 -28.46 -15.22 -4.34
N GLN C 19 -29.25 -14.16 -4.22
CA GLN C 19 -29.39 -13.16 -5.27
C GLN C 19 -28.38 -12.03 -5.15
N ASP C 20 -27.97 -11.51 -6.31
CA ASP C 20 -27.03 -10.42 -6.36
C ASP C 20 -27.75 -9.08 -6.31
N THR C 21 -27.62 -8.37 -5.20
CA THR C 21 -28.26 -7.06 -5.06
C THR C 21 -27.14 -6.02 -5.05
N THR C 22 -25.90 -6.50 -5.07
CA THR C 22 -24.76 -5.58 -5.07
C THR C 22 -24.65 -4.78 -6.37
N HIS C 23 -24.92 -5.42 -7.50
CA HIS C 23 -24.84 -4.71 -8.77
C HIS C 23 -25.87 -3.58 -8.78
N LEU C 24 -26.96 -3.77 -8.06
CA LEU C 24 -28.02 -2.76 -7.97
C LEU C 24 -27.50 -1.52 -7.26
N ALA C 25 -26.69 -1.74 -6.22
CA ALA C 25 -26.13 -0.63 -5.47
C ALA C 25 -25.09 0.09 -6.35
N ILE C 26 -24.30 -0.69 -7.09
CA ILE C 26 -23.29 -0.11 -7.95
C ILE C 26 -23.93 0.73 -9.06
N ARG C 27 -25.03 0.25 -9.62
CA ARG C 27 -25.71 0.98 -10.67
C ARG C 27 -26.16 2.35 -10.16
N GLU C 28 -26.73 2.39 -8.96
CA GLU C 28 -27.20 3.66 -8.41
C GLU C 28 -26.05 4.65 -8.26
N VAL C 29 -24.92 4.18 -7.74
CA VAL C 29 -23.76 5.04 -7.57
C VAL C 29 -23.32 5.65 -8.89
N LEU C 30 -23.40 4.87 -9.97
CA LEU C 30 -22.99 5.34 -11.28
C LEU C 30 -24.04 6.21 -11.97
N ALA C 31 -25.30 6.04 -11.59
CA ALA C 31 -26.38 6.83 -12.18
C ALA C 31 -26.12 8.31 -11.87
N GLY C 32 -26.28 9.15 -12.89
CA GLY C 32 -26.05 10.57 -12.69
C GLY C 32 -24.64 10.98 -13.05
N GLY C 33 -23.76 9.98 -13.23
CA GLY C 33 -22.38 10.26 -13.59
C GLY C 33 -22.11 9.95 -15.05
N PRO C 34 -20.93 10.32 -15.59
CA PRO C 34 -20.57 10.07 -16.98
C PRO C 34 -20.30 8.60 -17.28
N PHE C 35 -21.23 7.75 -16.87
CA PHE C 35 -21.08 6.30 -17.06
C PHE C 35 -22.32 5.67 -17.66
N GLU C 36 -22.12 4.55 -18.34
CA GLU C 36 -23.22 3.79 -18.92
C GLU C 36 -22.82 2.33 -18.83
N VAL C 37 -23.65 1.52 -18.19
CA VAL C 37 -23.37 0.11 -18.04
C VAL C 37 -23.54 -0.61 -19.37
N ALA C 38 -22.42 -1.10 -19.91
CA ALA C 38 -22.43 -1.79 -21.19
C ALA C 38 -22.54 -3.30 -21.05
N ALA C 39 -22.22 -3.82 -19.87
CA ALA C 39 -22.31 -5.25 -19.64
C ALA C 39 -22.35 -5.63 -18.17
N TYR C 40 -22.97 -6.78 -17.91
CA TYR C 40 -23.09 -7.32 -16.56
C TYR C 40 -22.96 -8.83 -16.62
N GLU C 41 -22.21 -9.40 -15.69
CA GLU C 41 -22.02 -10.85 -15.65
C GLU C 41 -21.84 -11.32 -14.20
N LEU C 42 -22.22 -12.57 -13.96
CA LEU C 42 -22.11 -13.19 -12.65
C LEU C 42 -21.33 -14.50 -12.81
N VAL C 43 -20.22 -14.61 -12.09
CA VAL C 43 -19.37 -15.80 -12.13
C VAL C 43 -19.06 -16.27 -10.72
N PRO C 44 -18.63 -17.53 -10.57
CA PRO C 44 -18.30 -18.06 -9.25
C PRO C 44 -16.89 -17.61 -8.89
N ASP C 45 -16.43 -17.99 -7.70
CA ASP C 45 -15.09 -17.63 -7.26
C ASP C 45 -14.05 -18.53 -7.92
N GLU C 46 -13.94 -18.41 -9.25
CA GLU C 46 -13.00 -19.19 -10.04
C GLU C 46 -12.19 -18.29 -10.96
N PRO C 47 -10.88 -18.14 -10.69
CA PRO C 47 -10.01 -17.29 -11.51
C PRO C 47 -10.18 -17.45 -13.02
N PRO C 48 -10.25 -18.70 -13.51
CA PRO C 48 -10.42 -18.92 -14.96
C PRO C 48 -11.63 -18.19 -15.55
N MET C 49 -12.76 -18.23 -14.84
CA MET C 49 -13.97 -17.58 -15.31
C MET C 49 -13.94 -16.07 -15.10
N ILE C 50 -13.31 -15.63 -14.03
CA ILE C 50 -13.18 -14.21 -13.74
C ILE C 50 -12.36 -13.57 -14.85
N LYS C 51 -11.24 -14.19 -15.18
CA LYS C 51 -10.34 -13.68 -16.20
C LYS C 51 -10.96 -13.68 -17.60
N LYS C 52 -11.72 -14.73 -17.93
CA LYS C 52 -12.34 -14.79 -19.24
C LYS C 52 -13.16 -13.54 -19.49
N VAL C 53 -13.95 -13.13 -18.50
CA VAL C 53 -14.78 -11.95 -18.63
C VAL C 53 -13.95 -10.68 -18.66
N LEU C 54 -12.92 -10.60 -17.83
CA LEU C 54 -12.06 -9.42 -17.81
C LEU C 54 -11.36 -9.23 -19.15
N ARG C 55 -10.82 -10.30 -19.72
CA ARG C 55 -10.14 -10.21 -21.01
C ARG C 55 -11.13 -9.82 -22.09
N LEU C 56 -12.31 -10.45 -22.06
CA LEU C 56 -13.36 -10.17 -23.04
C LEU C 56 -13.75 -8.71 -23.05
N TRP C 57 -14.06 -8.17 -21.88
CA TRP C 57 -14.48 -6.77 -21.77
C TRP C 57 -13.39 -5.76 -22.09
N ALA C 58 -12.14 -6.10 -21.78
CA ALA C 58 -11.03 -5.19 -22.04
C ALA C 58 -10.47 -5.32 -23.46
N ASP C 59 -10.21 -6.55 -23.88
CA ASP C 59 -9.63 -6.79 -25.20
C ASP C 59 -10.62 -6.77 -26.36
N ARG C 60 -11.76 -7.43 -26.21
CA ARG C 60 -12.75 -7.46 -27.29
C ARG C 60 -13.67 -6.26 -27.25
N GLU C 61 -14.41 -6.10 -26.15
CA GLU C 61 -15.35 -5.00 -26.00
C GLU C 61 -14.67 -3.65 -25.83
N GLY C 62 -13.46 -3.65 -25.29
CA GLY C 62 -12.76 -2.38 -25.09
C GLY C 62 -13.48 -1.47 -24.12
N LEU C 63 -14.05 -2.03 -23.07
CA LEU C 63 -14.75 -1.22 -22.08
C LEU C 63 -13.75 -0.30 -21.40
N ASP C 64 -14.20 0.87 -20.97
CA ASP C 64 -13.34 1.85 -20.33
C ASP C 64 -13.10 1.53 -18.86
N LEU C 65 -14.14 1.04 -18.20
CA LEU C 65 -14.06 0.71 -16.79
C LEU C 65 -14.69 -0.63 -16.49
N ILE C 66 -14.03 -1.41 -15.65
CA ILE C 66 -14.57 -2.69 -15.23
C ILE C 66 -14.62 -2.66 -13.71
N LEU C 67 -15.81 -2.84 -13.16
CA LEU C 67 -15.99 -2.85 -11.73
C LEU C 67 -16.39 -4.25 -11.32
N THR C 68 -15.49 -4.97 -10.68
CA THR C 68 -15.84 -6.30 -10.21
C THR C 68 -16.27 -6.08 -8.77
N ASN C 69 -17.05 -7.00 -8.23
CA ASN C 69 -17.46 -6.90 -6.84
C ASN C 69 -17.51 -8.32 -6.31
N GLY C 70 -16.93 -8.52 -5.13
CA GLY C 70 -16.91 -9.84 -4.53
C GLY C 70 -15.60 -10.59 -4.76
N GLY C 71 -15.35 -11.59 -3.93
CA GLY C 71 -14.15 -12.39 -4.05
C GLY C 71 -12.89 -11.67 -3.62
N THR C 72 -13.02 -10.67 -2.74
CA THR C 72 -11.83 -9.95 -2.29
C THR C 72 -11.57 -10.14 -0.81
N GLY C 73 -12.35 -11.01 -0.18
CA GLY C 73 -12.22 -11.26 1.24
C GLY C 73 -11.08 -12.20 1.60
N LEU C 74 -11.01 -12.56 2.89
CA LEU C 74 -9.97 -13.43 3.40
C LEU C 74 -10.36 -14.91 3.35
N ALA C 75 -11.53 -15.19 2.75
CA ALA C 75 -11.96 -16.57 2.61
C ALA C 75 -11.03 -17.22 1.60
N PRO C 76 -10.60 -18.46 1.87
CA PRO C 76 -9.69 -19.21 0.99
C PRO C 76 -10.01 -19.14 -0.50
N ARG C 77 -11.29 -19.22 -0.86
CA ARG C 77 -11.69 -19.19 -2.26
C ARG C 77 -11.80 -17.80 -2.89
N ASP C 78 -11.85 -16.75 -2.07
CA ASP C 78 -11.91 -15.39 -2.60
C ASP C 78 -10.60 -15.13 -3.33
N ARG C 79 -10.64 -15.15 -4.66
CA ARG C 79 -9.43 -14.96 -5.46
C ARG C 79 -9.54 -13.94 -6.59
N THR C 80 -10.45 -12.98 -6.46
CA THR C 80 -10.60 -11.97 -7.49
C THR C 80 -9.35 -11.10 -7.65
N PRO C 81 -8.69 -10.74 -6.53
CA PRO C 81 -7.48 -9.92 -6.66
C PRO C 81 -6.37 -10.62 -7.45
N GLU C 82 -6.12 -11.89 -7.12
CA GLU C 82 -5.08 -12.66 -7.80
C GLU C 82 -5.40 -12.81 -9.28
N ALA C 83 -6.67 -13.11 -9.59
CA ALA C 83 -7.09 -13.27 -10.98
C ALA C 83 -6.86 -11.98 -11.75
N THR C 84 -7.29 -10.87 -11.16
CA THR C 84 -7.17 -9.56 -11.78
C THR C 84 -5.72 -9.11 -11.99
N ARG C 85 -4.92 -9.21 -10.94
CA ARG C 85 -3.53 -8.80 -11.02
C ARG C 85 -2.79 -9.50 -12.16
N GLU C 86 -3.14 -10.75 -12.42
CA GLU C 86 -2.52 -11.53 -13.49
C GLU C 86 -2.73 -10.90 -14.86
N LEU C 87 -3.76 -10.07 -14.98
CA LEU C 87 -4.11 -9.44 -16.26
C LEU C 87 -3.76 -7.94 -16.37
N LEU C 88 -3.24 -7.36 -15.30
CA LEU C 88 -2.92 -5.94 -15.31
C LEU C 88 -1.54 -5.60 -15.85
N ASP C 89 -1.46 -4.51 -16.62
CA ASP C 89 -0.19 -4.05 -17.15
C ASP C 89 0.53 -3.31 -16.02
N ARG C 90 -0.26 -2.58 -15.23
CA ARG C 90 0.27 -1.83 -14.09
C ARG C 90 -0.86 -1.56 -13.10
N GLU C 91 -0.51 -1.36 -11.84
CA GLU C 91 -1.51 -1.10 -10.81
C GLU C 91 -1.56 0.36 -10.40
N VAL C 92 -2.68 0.74 -9.78
CA VAL C 92 -2.90 2.09 -9.29
C VAL C 92 -3.28 1.90 -7.82
N PRO C 93 -2.28 1.69 -6.96
CA PRO C 93 -2.51 1.48 -5.52
C PRO C 93 -3.39 2.51 -4.83
N GLY C 94 -3.29 3.76 -5.27
CA GLY C 94 -4.07 4.80 -4.66
C GLY C 94 -5.56 4.51 -4.68
N LEU C 95 -6.03 3.86 -5.75
CA LEU C 95 -7.44 3.54 -5.85
C LEU C 95 -7.80 2.37 -4.95
N ALA C 96 -6.88 1.42 -4.80
CA ALA C 96 -7.12 0.28 -3.93
C ALA C 96 -7.22 0.78 -2.48
N GLU C 97 -6.40 1.77 -2.15
CA GLU C 97 -6.40 2.35 -0.81
C GLU C 97 -7.72 3.09 -0.56
N LEU C 98 -8.19 3.81 -1.57
CA LEU C 98 -9.45 4.54 -1.44
C LEU C 98 -10.61 3.59 -1.19
N MET C 99 -10.62 2.45 -1.87
CA MET C 99 -11.67 1.47 -1.69
C MET C 99 -11.65 0.83 -0.30
N ARG C 100 -10.50 0.88 0.37
CA ARG C 100 -10.40 0.32 1.72
C ARG C 100 -10.76 1.39 2.75
N LEU C 101 -11.17 2.56 2.27
CA LEU C 101 -11.57 3.67 3.12
C LEU C 101 -10.48 4.03 4.12
N VAL C 102 -9.24 4.00 3.67
CA VAL C 102 -8.12 4.30 4.55
C VAL C 102 -8.16 5.72 5.11
N GLY C 103 -8.05 5.83 6.43
CA GLY C 103 -8.07 7.14 7.05
C GLY C 103 -9.23 7.41 7.99
N LEU C 104 -10.29 6.62 7.88
CA LEU C 104 -11.45 6.80 8.76
C LEU C 104 -11.03 6.62 10.21
N ARG C 105 -11.52 7.48 11.09
CA ARG C 105 -11.18 7.40 12.51
C ARG C 105 -11.58 6.04 13.08
N LYS C 106 -12.71 5.50 12.61
CA LYS C 106 -13.18 4.20 13.07
C LYS C 106 -12.68 3.12 12.11
N THR C 107 -11.86 2.20 12.61
CA THR C 107 -11.34 1.11 11.78
C THR C 107 -12.48 0.47 11.01
N PRO C 108 -12.43 0.50 9.68
CA PRO C 108 -13.47 -0.08 8.84
C PRO C 108 -13.24 -1.54 8.44
N MET C 109 -14.33 -2.26 8.24
CA MET C 109 -14.25 -3.65 7.80
C MET C 109 -13.72 -3.65 6.37
N ALA C 110 -13.82 -2.50 5.72
CA ALA C 110 -13.34 -2.34 4.35
C ALA C 110 -11.86 -2.66 4.25
N ALA C 111 -11.15 -2.50 5.37
CA ALA C 111 -9.71 -2.77 5.38
C ALA C 111 -9.39 -4.22 5.08
N LEU C 112 -10.39 -5.10 5.20
CA LEU C 112 -10.18 -6.51 4.93
C LEU C 112 -10.29 -6.88 3.46
N SER C 113 -10.63 -5.91 2.61
CA SER C 113 -10.73 -6.19 1.19
C SER C 113 -9.34 -6.17 0.56
N ARG C 114 -9.02 -7.21 -0.21
CA ARG C 114 -7.74 -7.32 -0.87
C ARG C 114 -7.83 -6.85 -2.32
N GLY C 115 -8.94 -6.21 -2.65
CA GLY C 115 -9.12 -5.75 -4.02
C GLY C 115 -8.00 -4.86 -4.53
N VAL C 116 -7.67 -5.03 -5.81
CA VAL C 116 -6.63 -4.23 -6.43
C VAL C 116 -7.26 -3.30 -7.46
N ALA C 117 -6.45 -2.38 -7.99
CA ALA C 117 -6.92 -1.45 -9.00
C ALA C 117 -5.78 -1.36 -10.01
N GLY C 118 -6.10 -1.36 -11.29
CA GLY C 118 -5.06 -1.28 -12.28
C GLY C 118 -5.54 -1.07 -13.70
N VAL C 119 -4.60 -1.09 -14.64
CA VAL C 119 -4.91 -0.88 -16.05
C VAL C 119 -4.46 -2.05 -16.91
N ARG C 120 -5.30 -2.37 -17.90
CA ARG C 120 -5.01 -3.41 -18.88
C ARG C 120 -5.35 -2.73 -20.20
N GLY C 121 -4.34 -2.50 -21.04
CA GLY C 121 -4.58 -1.82 -22.30
C GLY C 121 -5.07 -0.41 -22.00
N ARG C 122 -6.32 -0.14 -22.31
CA ARG C 122 -6.90 1.17 -22.03
C ARG C 122 -8.16 1.02 -21.19
N THR C 123 -8.15 -0.02 -20.35
CA THR C 123 -9.27 -0.31 -19.46
C THR C 123 -8.87 -0.25 -18.00
N LEU C 124 -9.61 0.53 -17.21
CA LEU C 124 -9.33 0.62 -15.78
C LEU C 124 -10.18 -0.44 -15.08
N ILE C 125 -9.56 -1.22 -14.20
CA ILE C 125 -10.27 -2.28 -13.49
C ILE C 125 -10.14 -2.10 -11.99
N LEU C 126 -11.27 -2.10 -11.29
CA LEU C 126 -11.32 -1.95 -9.84
C LEU C 126 -12.02 -3.14 -9.20
N ASN C 127 -11.44 -3.67 -8.12
CA ASN C 127 -12.02 -4.80 -7.40
C ASN C 127 -12.78 -4.27 -6.17
N LEU C 128 -14.11 -4.18 -6.26
CA LEU C 128 -14.90 -3.72 -5.12
C LEU C 128 -15.28 -4.89 -4.22
N PRO C 129 -15.57 -4.60 -2.93
CA PRO C 129 -15.97 -5.63 -1.98
C PRO C 129 -17.31 -6.21 -2.46
N GLY C 130 -17.65 -7.42 -2.03
CA GLY C 130 -18.88 -8.05 -2.48
C GLY C 130 -20.21 -7.70 -1.85
N SER C 131 -20.21 -7.14 -0.64
CA SER C 131 -21.48 -6.79 -0.01
C SER C 131 -22.04 -5.51 -0.63
N PRO C 132 -23.37 -5.37 -0.66
CA PRO C 132 -23.98 -4.18 -1.24
C PRO C 132 -23.41 -2.92 -0.57
N LYS C 133 -23.42 -2.94 0.76
CA LYS C 133 -22.92 -1.84 1.57
C LYS C 133 -21.44 -1.57 1.28
N GLY C 134 -20.64 -2.64 1.28
CA GLY C 134 -19.23 -2.51 1.02
C GLY C 134 -18.91 -1.93 -0.35
N ALA C 135 -19.51 -2.50 -1.40
CA ALA C 135 -19.26 -2.04 -2.76
C ALA C 135 -19.63 -0.58 -2.93
N ARG C 136 -20.73 -0.17 -2.31
CA ARG C 136 -21.19 1.22 -2.39
C ARG C 136 -20.19 2.20 -1.79
N GLU C 137 -19.85 2.01 -0.53
CA GLU C 137 -18.90 2.90 0.15
C GLU C 137 -17.56 2.94 -0.57
N SER C 138 -17.10 1.79 -1.04
CA SER C 138 -15.84 1.73 -1.75
C SER C 138 -15.91 2.46 -3.09
N LEU C 139 -17.03 2.31 -3.81
CA LEU C 139 -17.15 2.98 -5.09
C LEU C 139 -17.30 4.49 -4.91
N GLU C 140 -18.02 4.90 -3.88
CA GLU C 140 -18.20 6.32 -3.62
C GLU C 140 -16.88 6.97 -3.24
N ALA C 141 -15.98 6.18 -2.64
CA ALA C 141 -14.67 6.68 -2.24
C ALA C 141 -13.81 7.05 -3.43
N VAL C 142 -13.96 6.34 -4.54
CA VAL C 142 -13.17 6.62 -5.73
C VAL C 142 -13.86 7.50 -6.76
N LEU C 143 -15.19 7.58 -6.69
CA LEU C 143 -15.97 8.37 -7.64
C LEU C 143 -15.43 9.78 -7.94
N PRO C 144 -15.03 10.53 -6.90
CA PRO C 144 -14.50 11.88 -7.11
C PRO C 144 -13.37 12.00 -8.13
N VAL C 145 -12.53 10.98 -8.23
CA VAL C 145 -11.40 11.02 -9.16
C VAL C 145 -11.54 10.00 -10.29
N LEU C 146 -12.64 9.26 -10.30
CA LEU C 146 -12.84 8.24 -11.32
C LEU C 146 -12.87 8.80 -12.75
N PRO C 147 -13.68 9.85 -13.00
CA PRO C 147 -13.74 10.44 -14.34
C PRO C 147 -12.38 10.86 -14.88
N HIS C 148 -11.61 11.56 -14.05
CA HIS C 148 -10.29 12.04 -14.46
C HIS C 148 -9.33 10.88 -14.71
N ALA C 149 -9.37 9.87 -13.83
CA ALA C 149 -8.51 8.71 -13.99
C ALA C 149 -8.80 8.05 -15.33
N LEU C 150 -10.08 7.90 -15.64
CA LEU C 150 -10.51 7.28 -16.89
C LEU C 150 -10.06 8.07 -18.11
N SER C 151 -10.12 9.39 -18.03
CA SER C 151 -9.70 10.24 -19.14
C SER C 151 -8.23 10.00 -19.40
N LEU C 152 -7.45 9.83 -18.33
CA LEU C 152 -6.02 9.59 -18.45
C LEU C 152 -5.68 8.22 -19.03
N VAL C 153 -6.45 7.21 -18.63
CA VAL C 153 -6.22 5.85 -19.11
C VAL C 153 -6.76 5.59 -20.51
N THR C 154 -7.95 6.10 -20.79
CA THR C 154 -8.60 5.90 -22.08
C THR C 154 -8.26 6.98 -23.10
N GLY C 155 -8.20 8.22 -22.64
CA GLY C 155 -7.91 9.34 -23.52
C GLY C 155 -9.21 10.06 -23.85
N LYS C 156 -10.32 9.49 -23.41
CA LYS C 156 -11.64 10.06 -23.64
C LYS C 156 -11.94 11.18 -22.64
N PRO C 157 -12.72 12.18 -23.06
CA PRO C 157 -13.08 13.31 -22.20
C PRO C 157 -14.51 13.16 -21.69
N TRP C 158 -14.87 13.98 -20.70
CA TRP C 158 -16.21 13.96 -20.16
C TRP C 158 -16.68 15.41 -19.97
N LYS C 159 -17.79 15.59 -19.26
CA LYS C 159 -18.33 16.93 -19.02
C LYS C 159 -18.58 17.22 -17.55
C1 EDO D . -1.66 6.91 17.63
O1 EDO D . -2.87 7.40 17.18
C2 EDO D . -0.75 8.11 17.64
O2 EDO D . 0.40 7.73 17.76
C1 EDO E . -6.90 3.85 15.25
O1 EDO E . -7.30 3.02 16.28
C2 EDO E . -8.07 4.75 14.96
O2 EDO E . -7.93 5.24 13.85
#